data_3V7F
#
_entry.id   3V7F
#
_cell.length_a   59.060
_cell.length_b   162.920
_cell.length_c   149.040
_cell.angle_alpha   90.00
_cell.angle_beta   90.00
_cell.angle_gamma   90.00
#
_symmetry.space_group_name_H-M   'C 2 2 21'
#
loop_
_entity.id
_entity.type
_entity.pdbx_description
1 polymer 'Putative uncharacterized protein'
2 non-polymer 'CALCIUM ION'
3 water water
#
_entity_poly.entity_id   1
_entity_poly.type   'polypeptide(L)'
_entity_poly.pdbx_seq_one_letter_code
;GSFTMNLNFSLLDEPIPLRGGTILVLEDVCVFSKIVQYCYQYEEDSELKFFDHKMKTIKESEIMLVTDILGFDVNSSTIL
KLIHADLESQFNEKPEVKSMIDKLVATITELIVFECLENELDLEYDEITILELIKSLGVKVETQSDTIFEKCLEILQIFK
YLTKKKLLIFVNSGAFLTKDEVASLQEYISLTNLTVLFLEPRELYDFPQYILDEDYFLITKNMV
;
_entity_poly.pdbx_strand_id   A,B
#
loop_
_chem_comp.id
_chem_comp.type
_chem_comp.name
_chem_comp.formula
CA non-polymer 'CALCIUM ION' 'Ca 2'
#
# COMPACT_ATOMS: atom_id res chain seq x y z
N MET A 5 16.98 -16.58 12.41
CA MET A 5 15.66 -17.05 12.94
C MET A 5 14.99 -18.05 12.00
N ASN A 6 13.71 -18.32 12.23
CA ASN A 6 12.97 -19.39 11.49
C ASN A 6 11.51 -19.14 11.15
N LEU A 7 11.12 -19.71 10.01
CA LEU A 7 9.75 -19.81 9.60
C LEU A 7 9.34 -21.28 9.72
N ASN A 8 8.28 -21.54 10.46
CA ASN A 8 7.79 -22.89 10.50
C ASN A 8 6.28 -22.96 10.51
N PHE A 9 5.74 -24.06 10.00
CA PHE A 9 4.33 -24.43 10.21
C PHE A 9 4.14 -25.94 10.03
N SER A 10 2.89 -26.39 10.08
CA SER A 10 2.54 -27.82 10.10
C SER A 10 2.95 -28.69 8.91
N LEU A 11 2.87 -28.13 7.70
CA LEU A 11 3.26 -28.84 6.46
C LEU A 11 4.74 -29.04 6.22
N LEU A 12 5.56 -28.33 6.98
CA LEU A 12 6.98 -28.33 6.73
C LEU A 12 7.57 -29.44 7.53
N ASP A 13 8.36 -30.29 6.88
CA ASP A 13 8.98 -31.39 7.62
C ASP A 13 9.81 -30.80 8.76
N GLU A 14 10.52 -29.71 8.40
CA GLU A 14 11.54 -29.06 9.23
C GLU A 14 11.56 -27.56 8.88
N PRO A 15 11.75 -26.68 9.90
CA PRO A 15 11.55 -25.22 9.72
C PRO A 15 12.49 -24.65 8.66
N ILE A 16 12.13 -23.49 8.11
CA ILE A 16 13.02 -22.80 7.17
C ILE A 16 13.89 -21.76 7.89
N PRO A 17 15.20 -21.72 7.59
CA PRO A 17 16.14 -20.86 8.30
C PRO A 17 16.33 -19.50 7.64
N LEU A 18 16.19 -18.46 8.46
CA LEU A 18 16.23 -17.07 8.03
C LEU A 18 17.44 -16.36 8.60
N ARG A 19 18.55 -16.49 7.89
CA ARG A 19 19.70 -15.64 8.16
C ARG A 19 19.81 -14.66 7.00
N GLY A 20 20.13 -13.43 7.36
CA GLY A 20 20.34 -12.37 6.39
C GLY A 20 19.28 -12.45 5.32
N GLY A 21 19.69 -12.56 4.08
CA GLY A 21 18.76 -12.69 2.98
C GLY A 21 18.33 -14.14 2.88
N THR A 22 17.02 -14.33 2.65
CA THR A 22 16.40 -15.65 2.49
C THR A 22 15.27 -15.56 1.46
N ILE A 23 15.47 -16.17 0.29
CA ILE A 23 14.45 -16.15 -0.75
C ILE A 23 13.63 -17.42 -0.67
N LEU A 24 12.30 -17.30 -0.58
CA LEU A 24 11.40 -18.46 -0.48
C LEU A 24 10.38 -18.52 -1.61
N VAL A 25 10.53 -19.49 -2.51
CA VAL A 25 9.64 -19.63 -3.63
C VAL A 25 8.52 -20.55 -3.24
N LEU A 26 7.29 -20.17 -3.56
CA LEU A 26 6.17 -21.07 -3.41
C LEU A 26 5.54 -21.19 -4.79
N GLU A 27 5.54 -22.39 -5.34
CA GLU A 27 5.16 -22.48 -6.75
C GLU A 27 3.74 -22.98 -6.94
N ASP A 28 3.18 -23.58 -5.90
CA ASP A 28 1.76 -23.89 -5.91
C ASP A 28 1.02 -22.55 -5.70
N VAL A 29 0.44 -22.05 -6.79
CA VAL A 29 -0.42 -20.86 -6.71
C VAL A 29 -1.18 -20.78 -5.35
N CYS A 30 -1.82 -21.87 -4.94
CA CYS A 30 -2.63 -21.85 -3.72
C CYS A 30 -1.84 -21.82 -2.42
N VAL A 31 -0.52 -21.98 -2.49
CA VAL A 31 0.21 -22.09 -1.23
C VAL A 31 0.98 -20.77 -1.04
N PHE A 32 1.49 -20.27 -2.15
CA PHE A 32 1.81 -18.87 -2.27
C PHE A 32 0.74 -17.99 -1.61
N SER A 33 -0.50 -18.05 -2.10
CA SER A 33 -1.60 -17.19 -1.64
C SER A 33 -1.95 -17.43 -0.23
N LYS A 34 -1.80 -18.66 0.22
CA LYS A 34 -2.14 -18.98 1.61
C LYS A 34 -1.06 -18.42 2.54
N ILE A 35 0.19 -18.54 2.11
CA ILE A 35 1.31 -18.17 2.96
C ILE A 35 1.50 -16.68 3.04
N VAL A 36 1.40 -15.98 1.90
CA VAL A 36 1.38 -14.51 1.85
C VAL A 36 0.27 -14.06 2.77
N GLN A 37 -0.84 -14.75 2.69
CA GLN A 37 -1.98 -14.30 3.44
C GLN A 37 -1.81 -14.58 4.92
N TYR A 38 -1.30 -15.75 5.25
CA TYR A 38 -1.13 -16.08 6.65
C TYR A 38 -0.21 -15.08 7.25
N CYS A 39 0.74 -14.61 6.44
CA CYS A 39 1.80 -13.68 6.89
C CYS A 39 1.18 -12.40 7.32
N TYR A 40 0.29 -11.93 6.45
CA TYR A 40 -0.42 -10.70 6.62
C TYR A 40 -1.32 -10.67 7.86
N GLN A 41 -1.97 -11.78 8.18
CA GLN A 41 -2.84 -11.88 9.36
C GLN A 41 -2.13 -12.48 10.56
N TYR A 42 -0.80 -12.58 10.46
CA TYR A 42 0.01 -13.15 11.52
C TYR A 42 -0.40 -12.64 12.90
N GLU A 43 -0.44 -13.54 13.89
CA GLU A 43 -0.64 -13.14 15.28
C GLU A 43 -0.09 -14.20 16.26
N GLU A 44 -0.49 -14.11 17.51
CA GLU A 44 0.01 -14.98 18.59
C GLU A 44 -0.08 -16.46 18.24
N ASP A 45 -1.30 -16.93 18.01
CA ASP A 45 -1.54 -18.30 17.58
C ASP A 45 -2.10 -18.26 16.18
N SER A 46 -1.28 -17.78 15.25
CA SER A 46 -1.59 -17.90 13.84
C SER A 46 -1.13 -19.28 13.42
N GLU A 47 -1.60 -19.71 12.26
CA GLU A 47 -1.24 -21.00 11.72
C GLU A 47 0.27 -21.07 11.43
N LEU A 48 0.82 -19.92 11.02
CA LEU A 48 2.25 -19.76 10.65
C LEU A 48 3.12 -19.24 11.81
N LYS A 49 4.30 -19.81 11.99
CA LYS A 49 5.21 -19.44 13.11
C LYS A 49 6.59 -18.91 12.70
N PHE A 50 7.06 -17.97 13.52
CA PHE A 50 8.38 -17.34 13.38
C PHE A 50 9.07 -17.29 14.75
N PHE A 51 10.36 -17.64 14.82
CA PHE A 51 11.11 -17.44 16.10
C PHE A 51 12.66 -17.36 16.02
N ASP A 52 13.25 -16.64 17.00
CA ASP A 52 14.71 -16.49 17.22
C ASP A 52 15.57 -17.72 16.98
N MET A 55 14.45 -19.41 20.14
CA MET A 55 13.17 -20.13 20.11
C MET A 55 11.96 -19.36 20.61
N LYS A 56 12.17 -18.13 21.02
CA LYS A 56 11.08 -17.25 21.40
C LYS A 56 10.47 -16.77 20.10
N THR A 57 9.15 -16.82 20.01
CA THR A 57 8.52 -16.44 18.77
C THR A 57 8.51 -14.92 18.64
N ILE A 58 8.76 -14.44 17.42
CA ILE A 58 8.63 -13.03 17.02
C ILE A 58 7.15 -12.61 17.11
N LYS A 59 6.88 -11.51 17.84
CA LYS A 59 5.54 -10.94 17.91
C LYS A 59 5.22 -10.28 16.58
N GLU A 60 3.95 -9.96 16.34
CA GLU A 60 3.58 -9.36 15.07
C GLU A 60 4.30 -8.03 14.88
N SER A 61 4.12 -7.17 15.88
CA SER A 61 4.79 -5.87 15.96
C SER A 61 6.28 -5.88 15.56
N GLU A 62 6.97 -7.00 15.78
CA GLU A 62 8.39 -7.14 15.41
C GLU A 62 8.59 -7.55 13.94
N ILE A 63 7.51 -7.46 13.15
CA ILE A 63 7.55 -7.82 11.74
C ILE A 63 6.95 -6.75 10.86
N MET A 64 7.71 -6.32 9.87
CA MET A 64 7.25 -5.40 8.87
C MET A 64 7.08 -6.19 7.59
N LEU A 65 6.03 -5.87 6.84
CA LEU A 65 5.71 -6.63 5.63
C LEU A 65 5.43 -5.66 4.48
N VAL A 66 6.12 -5.85 3.35
CA VAL A 66 5.91 -4.94 2.25
C VAL A 66 5.24 -5.65 1.11
N THR A 67 4.12 -5.13 0.69
CA THR A 67 3.40 -5.71 -0.42
C THR A 67 3.47 -4.66 -1.49
N ASP A 68 2.93 -3.49 -1.19
CA ASP A 68 2.98 -2.34 -2.06
C ASP A 68 4.20 -1.49 -1.75
N ILE A 69 5.26 -1.68 -2.54
CA ILE A 69 6.53 -1.00 -2.39
C ILE A 69 6.38 0.51 -2.58
N LEU A 70 5.97 0.96 -3.75
CA LEU A 70 5.91 2.40 -4.00
C LEU A 70 4.96 3.13 -3.03
N GLY A 71 3.98 2.43 -2.48
CA GLY A 71 2.94 3.05 -1.66
C GLY A 71 3.22 3.02 -0.18
N PHE A 72 4.34 2.42 0.18
CA PHE A 72 4.74 2.30 1.54
C PHE A 72 5.27 3.64 2.01
N ASP A 73 4.88 4.03 3.21
CA ASP A 73 5.29 5.33 3.74
C ASP A 73 6.52 5.13 4.54
N VAL A 74 7.66 5.53 3.96
CA VAL A 74 8.93 5.66 4.69
C VAL A 74 9.10 7.02 5.39
N ASN A 75 8.14 7.93 5.24
CA ASN A 75 8.18 9.21 5.97
C ASN A 75 7.26 9.27 7.19
N SER A 76 7.16 8.14 7.87
CA SER A 76 6.40 8.09 9.08
C SER A 76 7.10 8.89 10.15
N SER A 77 6.31 9.48 11.05
CA SER A 77 6.81 10.11 12.26
C SER A 77 7.91 9.37 12.99
N THR A 78 7.69 8.10 13.31
CA THR A 78 8.69 7.31 14.02
C THR A 78 9.98 7.23 13.20
N ILE A 79 9.85 7.06 11.87
CA ILE A 79 11.03 7.03 11.01
C ILE A 79 11.73 8.39 10.91
N LEU A 80 10.98 9.46 10.64
CA LEU A 80 11.58 10.78 10.70
C LEU A 80 12.27 10.99 12.06
N LYS A 81 11.54 10.92 13.15
CA LYS A 81 12.14 11.11 14.46
C LYS A 81 13.48 10.41 14.48
N LEU A 82 13.58 9.25 13.85
CA LEU A 82 14.80 8.44 13.95
C LEU A 82 15.93 8.95 13.07
N ILE A 83 15.62 9.16 11.79
CA ILE A 83 16.50 9.87 10.88
C ILE A 83 17.10 11.10 11.58
N HIS A 84 16.23 12.04 11.97
CA HIS A 84 16.67 13.27 12.60
C HIS A 84 17.63 13.07 13.78
N ALA A 85 17.38 12.14 14.69
CA ALA A 85 18.36 11.98 15.79
C ALA A 85 19.62 11.38 15.28
N ASP A 86 19.57 10.74 14.12
CA ASP A 86 20.75 10.09 13.56
C ASP A 86 21.64 11.16 12.92
N LEU A 87 21.03 12.07 12.14
CA LEU A 87 21.76 13.19 11.58
C LEU A 87 22.36 14.01 12.73
N GLU A 88 21.57 14.38 13.72
CA GLU A 88 22.16 15.10 14.83
C GLU A 88 23.44 14.37 15.23
N SER A 89 23.34 13.09 15.53
CA SER A 89 24.46 12.36 16.13
C SER A 89 25.65 12.23 15.18
N GLN A 90 25.41 12.40 13.89
CA GLN A 90 26.48 12.51 12.91
C GLN A 90 27.45 13.68 13.24
N PHE A 91 26.93 14.69 13.94
CA PHE A 91 27.72 15.86 14.30
C PHE A 91 28.57 15.59 15.52
N ASN A 92 28.15 14.65 16.38
CA ASN A 92 28.91 14.41 17.59
C ASN A 92 30.20 13.70 17.22
N GLU A 93 30.29 13.24 15.97
CA GLU A 93 31.54 12.75 15.39
C GLU A 93 32.41 13.84 14.75
N LYS A 94 31.91 15.06 14.72
CA LYS A 94 32.56 16.19 14.05
C LYS A 94 32.49 17.43 14.96
N PRO A 95 33.24 17.41 16.10
CA PRO A 95 33.00 18.38 17.15
C PRO A 95 33.35 19.74 16.66
N GLU A 96 34.27 19.76 15.70
CA GLU A 96 34.81 20.95 15.08
C GLU A 96 33.73 21.70 14.39
N VAL A 97 33.11 21.03 13.43
CA VAL A 97 32.00 21.60 12.71
C VAL A 97 30.80 21.86 13.62
N LYS A 98 30.55 20.95 14.57
CA LYS A 98 29.40 21.11 15.46
C LYS A 98 29.57 22.41 16.18
N SER A 99 30.81 22.65 16.61
CA SER A 99 31.09 23.80 17.39
C SER A 99 30.82 25.05 16.59
N MET A 100 31.19 25.05 15.31
CA MET A 100 30.87 26.19 14.45
C MET A 100 29.36 26.36 14.33
N ILE A 101 28.66 25.23 14.19
CA ILE A 101 27.24 25.34 14.18
C ILE A 101 26.74 25.96 15.50
N ASP A 102 27.23 25.51 16.67
CA ASP A 102 26.83 26.15 17.94
C ASP A 102 27.04 27.65 17.81
N LYS A 103 28.20 28.04 17.33
CA LYS A 103 28.54 29.46 17.26
C LYS A 103 27.67 30.19 16.23
N LEU A 104 27.45 29.59 15.07
CA LEU A 104 26.52 30.23 14.15
C LEU A 104 25.13 30.39 14.77
N VAL A 105 24.66 29.37 15.48
CA VAL A 105 23.30 29.39 16.06
C VAL A 105 23.23 30.51 17.11
N ALA A 106 24.29 30.59 17.93
CA ALA A 106 24.43 31.67 18.89
C ALA A 106 24.28 33.06 18.21
N THR A 107 24.79 33.20 16.99
CA THR A 107 24.71 34.51 16.34
C THR A 107 23.26 34.85 15.94
N ILE A 108 22.58 33.87 15.34
CA ILE A 108 21.18 33.99 15.02
C ILE A 108 20.42 34.31 16.31
N THR A 109 20.67 33.51 17.36
CA THR A 109 20.04 33.76 18.66
C THR A 109 20.18 35.21 19.11
N GLU A 110 21.42 35.70 19.14
CA GLU A 110 21.69 37.06 19.49
C GLU A 110 20.93 38.04 18.61
N LEU A 111 20.89 37.82 17.31
CA LEU A 111 20.20 38.81 16.45
C LEU A 111 18.72 38.77 16.73
N ILE A 112 18.23 37.60 17.11
CA ILE A 112 16.83 37.48 17.54
C ILE A 112 16.54 38.12 18.92
N VAL A 113 17.30 37.74 19.95
CA VAL A 113 17.17 38.40 21.23
C VAL A 113 17.26 39.90 21.06
N PHE A 114 18.15 40.38 20.19
CA PHE A 114 18.19 41.82 20.06
C PHE A 114 16.85 42.37 19.60
N GLU A 115 16.25 41.72 18.60
CA GLU A 115 14.87 42.04 18.21
C GLU A 115 13.89 41.89 19.36
N CYS A 116 14.19 41.01 20.30
CA CYS A 116 13.31 40.78 21.42
C CYS A 116 13.31 41.93 22.37
N LEU A 117 14.50 42.44 22.69
CA LEU A 117 14.67 43.68 23.47
C LEU A 117 14.08 44.89 22.78
N GLU A 118 14.42 45.05 21.51
CA GLU A 118 13.82 46.14 20.75
C GLU A 118 12.28 46.06 20.64
N ASN A 119 11.69 44.91 20.95
CA ASN A 119 10.25 44.80 20.96
C ASN A 119 9.73 45.34 22.28
N GLU A 120 8.56 46.01 22.22
CA GLU A 120 7.98 46.66 23.40
C GLU A 120 7.66 45.73 24.56
N LEU A 121 7.40 44.48 24.24
CA LEU A 121 7.02 43.53 25.24
C LEU A 121 8.28 42.96 25.90
N ASP A 122 8.18 42.61 27.19
CA ASP A 122 9.27 41.90 27.89
C ASP A 122 9.22 40.43 27.51
N LEU A 123 10.12 39.99 26.64
CA LEU A 123 10.06 38.64 26.11
C LEU A 123 11.15 37.77 26.69
N GLU A 124 10.85 36.50 26.92
CA GLU A 124 11.91 35.58 27.26
C GLU A 124 12.02 34.55 26.18
N TYR A 125 12.99 33.66 26.30
CA TYR A 125 13.28 32.75 25.26
C TYR A 125 14.09 31.61 25.85
N ASP A 126 14.31 30.60 25.04
CA ASP A 126 14.98 29.41 25.46
C ASP A 126 16.29 29.18 24.66
N GLU A 127 16.40 28.07 23.92
CA GLU A 127 17.49 27.89 22.95
C GLU A 127 17.01 27.45 21.57
N ILE A 128 17.90 27.46 20.59
CA ILE A 128 17.66 26.82 19.31
C ILE A 128 18.61 25.63 19.28
N THR A 129 18.08 24.45 19.05
CA THR A 129 18.93 23.27 19.02
C THR A 129 19.11 22.75 17.59
N ILE A 130 20.16 21.95 17.38
CA ILE A 130 20.39 21.38 16.07
C ILE A 130 19.21 20.51 15.66
N LEU A 131 18.71 19.72 16.60
CA LEU A 131 17.50 18.95 16.29
C LEU A 131 16.36 19.83 15.78
N GLU A 132 16.16 20.98 16.39
CA GLU A 132 15.08 21.86 15.95
C GLU A 132 15.32 22.34 14.52
N LEU A 133 16.60 22.56 14.19
CA LEU A 133 16.96 23.09 12.88
C LEU A 133 16.70 22.03 11.82
N ILE A 134 17.07 20.79 12.17
CA ILE A 134 16.83 19.64 11.35
C ILE A 134 15.31 19.47 11.15
N LYS A 135 14.52 19.50 12.24
CA LYS A 135 13.06 19.40 12.13
C LYS A 135 12.60 20.52 11.21
N SER A 136 13.12 21.70 11.45
CA SER A 136 12.59 22.82 10.77
C SER A 136 12.86 22.65 9.31
N LEU A 137 13.91 21.89 9.00
CA LEU A 137 14.40 21.90 7.65
C LEU A 137 13.57 20.97 6.81
N GLY A 138 12.91 20.05 7.51
CA GLY A 138 11.95 19.13 6.91
C GLY A 138 12.66 18.06 6.13
N VAL A 139 13.75 17.55 6.70
CA VAL A 139 14.54 16.49 6.11
C VAL A 139 13.64 15.31 6.17
N LYS A 140 13.54 14.59 5.07
CA LYS A 140 12.78 13.33 5.00
C LYS A 140 13.35 12.53 3.83
N VAL A 141 12.93 11.26 3.68
CA VAL A 141 13.37 10.46 2.53
C VAL A 141 12.66 10.92 1.25
N GLU A 142 13.39 11.11 0.15
CA GLU A 142 12.69 11.46 -1.10
C GLU A 142 12.28 10.21 -1.88
N THR A 143 10.97 10.12 -2.10
CA THR A 143 10.34 8.94 -2.66
C THR A 143 9.64 9.24 -3.98
N GLN A 144 9.12 10.45 -4.08
CA GLN A 144 8.23 10.90 -5.16
C GLN A 144 8.64 10.52 -6.60
N SER A 145 9.93 10.29 -6.83
CA SER A 145 10.40 9.99 -8.18
C SER A 145 10.93 8.57 -8.32
N ASP A 146 11.03 7.84 -7.20
CA ASP A 146 11.62 6.49 -7.08
C ASP A 146 11.32 5.46 -8.16
N THR A 147 12.26 4.54 -8.34
CA THR A 147 11.97 3.32 -9.03
C THR A 147 11.73 2.29 -7.94
N ILE A 148 10.99 1.23 -8.27
CA ILE A 148 10.70 0.19 -7.30
C ILE A 148 11.98 -0.22 -6.62
N PHE A 149 13.01 -0.45 -7.42
CA PHE A 149 14.31 -0.81 -6.84
C PHE A 149 14.88 0.20 -5.82
N GLU A 150 14.95 1.47 -6.25
CA GLU A 150 15.36 2.59 -5.41
C GLU A 150 14.63 2.60 -4.07
N LYS A 151 13.30 2.42 -4.16
CA LYS A 151 12.46 2.43 -2.99
C LYS A 151 12.63 1.15 -2.12
N CYS A 152 12.92 0.00 -2.73
CA CYS A 152 13.18 -1.18 -1.89
C CYS A 152 14.31 -0.83 -0.96
N LEU A 153 15.37 -0.27 -1.57
CA LEU A 153 16.57 0.17 -0.87
C LEU A 153 16.24 1.11 0.27
N GLU A 154 15.43 2.11 0.00
CA GLU A 154 15.00 2.98 1.09
C GLU A 154 14.25 2.23 2.20
N ILE A 155 13.37 1.28 1.82
CA ILE A 155 12.65 0.51 2.80
C ILE A 155 13.66 -0.22 3.66
N LEU A 156 14.65 -0.82 3.02
CA LEU A 156 15.73 -1.48 3.78
C LEU A 156 16.50 -0.54 4.74
N GLN A 157 16.90 0.60 4.19
CA GLN A 157 17.59 1.62 4.92
C GLN A 157 16.82 2.11 6.12
N ILE A 158 15.52 2.34 6.00
CA ILE A 158 14.73 2.70 7.18
C ILE A 158 14.52 1.49 8.09
N PHE A 159 14.48 0.29 7.50
CA PHE A 159 14.28 -0.89 8.33
C PHE A 159 15.39 -1.00 9.40
N LYS A 160 16.65 -0.76 9.02
CA LYS A 160 17.76 -0.81 9.97
C LYS A 160 17.49 -0.05 11.29
N TYR A 161 16.74 1.04 11.18
CA TYR A 161 16.43 1.95 12.30
C TYR A 161 15.47 1.38 13.30
N LEU A 162 14.30 0.97 12.82
CA LEU A 162 13.29 0.28 13.66
C LEU A 162 14.00 -0.88 14.31
N THR A 163 14.39 -0.68 15.56
CA THR A 163 15.22 -1.67 16.24
C THR A 163 14.23 -2.69 16.75
N LYS A 164 13.07 -2.18 17.19
CA LYS A 164 11.96 -3.01 17.63
C LYS A 164 11.70 -4.18 16.67
N LYS A 165 11.51 -3.89 15.38
CA LYS A 165 11.30 -4.91 14.34
C LYS A 165 12.49 -5.87 14.21
N LYS A 166 12.20 -7.16 14.01
CA LYS A 166 13.24 -8.18 13.91
C LYS A 166 13.31 -8.77 12.51
N LEU A 167 12.18 -8.82 11.80
CA LEU A 167 12.20 -9.33 10.43
C LEU A 167 11.39 -8.44 9.49
N LEU A 168 11.88 -8.33 8.24
CA LEU A 168 11.17 -7.64 7.17
C LEU A 168 10.88 -8.63 6.10
N ILE A 169 9.63 -8.64 5.60
CA ILE A 169 9.19 -9.57 4.57
C ILE A 169 8.78 -8.81 3.33
N PHE A 170 9.22 -9.29 2.15
CA PHE A 170 8.84 -8.71 0.85
C PHE A 170 7.96 -9.64 0.05
N VAL A 171 6.76 -9.22 -0.21
CA VAL A 171 5.89 -10.08 -0.95
C VAL A 171 5.99 -9.86 -2.46
N ASN A 172 6.49 -10.86 -3.18
CA ASN A 172 6.35 -10.90 -4.63
C ASN A 172 6.90 -9.63 -5.27
N SER A 173 8.05 -9.23 -4.78
CA SER A 173 8.80 -8.06 -5.24
C SER A 173 9.75 -8.44 -6.40
N GLY A 174 10.34 -9.62 -6.34
CA GLY A 174 11.11 -10.20 -7.43
C GLY A 174 10.66 -9.79 -8.81
N ALA A 175 9.41 -10.08 -9.17
CA ALA A 175 8.91 -9.68 -10.51
C ALA A 175 9.33 -8.31 -11.00
N PHE A 176 9.72 -7.40 -10.12
CA PHE A 176 9.99 -6.02 -10.51
C PHE A 176 11.46 -5.69 -10.67
N LEU A 177 12.32 -6.67 -10.44
CA LEU A 177 13.72 -6.42 -10.18
C LEU A 177 14.65 -7.10 -11.16
N THR A 178 15.65 -6.36 -11.66
CA THR A 178 16.71 -6.97 -12.48
C THR A 178 17.56 -7.81 -11.55
N LYS A 179 18.13 -8.90 -12.10
CA LYS A 179 18.97 -9.80 -11.31
C LYS A 179 19.98 -8.96 -10.57
N ASP A 180 20.55 -7.99 -11.29
CA ASP A 180 21.55 -7.10 -10.69
C ASP A 180 20.95 -6.24 -9.56
N GLU A 181 19.68 -5.86 -9.70
CA GLU A 181 19.01 -5.13 -8.62
C GLU A 181 18.82 -6.05 -7.41
N VAL A 182 18.44 -7.28 -7.67
CA VAL A 182 18.21 -8.20 -6.56
C VAL A 182 19.52 -8.40 -5.83
N ALA A 183 20.57 -8.53 -6.62
CA ALA A 183 21.91 -8.80 -6.14
C ALA A 183 22.41 -7.66 -5.24
N SER A 184 22.15 -6.42 -5.66
CA SER A 184 22.39 -5.23 -4.83
C SER A 184 21.79 -5.36 -3.44
N LEU A 185 20.48 -5.63 -3.37
CA LEU A 185 19.77 -5.67 -2.09
C LEU A 185 20.24 -6.78 -1.17
N GLN A 186 20.64 -7.90 -1.75
CA GLN A 186 21.28 -8.97 -0.98
C GLN A 186 22.58 -8.48 -0.33
N GLU A 187 23.42 -7.84 -1.12
CA GLU A 187 24.68 -7.30 -0.64
C GLU A 187 24.38 -6.36 0.51
N TYR A 188 23.48 -5.41 0.29
CA TYR A 188 23.11 -4.45 1.31
C TYR A 188 22.52 -5.10 2.58
N ILE A 189 21.62 -6.07 2.41
CA ILE A 189 21.06 -6.84 3.54
C ILE A 189 22.18 -7.48 4.35
N SER A 190 23.08 -8.12 3.62
CA SER A 190 24.20 -8.81 4.22
C SER A 190 25.10 -7.84 4.98
N LEU A 191 25.31 -6.67 4.39
CA LEU A 191 26.25 -5.71 4.92
C LEU A 191 25.71 -5.05 6.17
N THR A 192 24.38 -4.82 6.18
CA THR A 192 23.68 -4.08 7.26
C THR A 192 23.24 -4.98 8.42
N ASN A 193 23.64 -6.26 8.36
CA ASN A 193 23.26 -7.29 9.31
C ASN A 193 21.75 -7.30 9.55
N LEU A 194 21.01 -7.46 8.47
CA LEU A 194 19.57 -7.47 8.52
C LEU A 194 19.00 -8.82 8.19
N THR A 195 17.77 -9.09 8.65
CA THR A 195 17.08 -10.36 8.37
C THR A 195 15.83 -10.16 7.53
N VAL A 196 15.82 -10.76 6.34
CA VAL A 196 14.82 -10.43 5.31
C VAL A 196 14.31 -11.65 4.51
N LEU A 197 13.00 -11.67 4.21
CA LEU A 197 12.42 -12.74 3.43
C LEU A 197 11.69 -12.26 2.18
N PHE A 198 12.00 -12.86 1.04
CA PHE A 198 11.26 -12.57 -0.21
C PHE A 198 10.40 -13.74 -0.62
N LEU A 199 9.09 -13.60 -0.45
CA LEU A 199 8.13 -14.63 -0.81
C LEU A 199 7.87 -14.46 -2.26
N GLU A 200 8.20 -15.48 -3.05
CA GLU A 200 8.19 -15.38 -4.49
C GLU A 200 7.30 -16.50 -5.06
N PRO A 201 6.61 -16.24 -6.20
CA PRO A 201 5.78 -17.24 -6.88
C PRO A 201 6.56 -18.21 -7.76
N ARG A 202 7.80 -17.86 -8.03
CA ARG A 202 8.60 -18.38 -9.12
C ARG A 202 10.01 -18.24 -8.61
N GLU A 203 10.96 -18.79 -9.38
CA GLU A 203 12.35 -18.83 -9.00
C GLU A 203 12.92 -17.49 -9.31
N LEU A 204 13.76 -17.02 -8.40
CA LEU A 204 14.32 -15.70 -8.54
C LEU A 204 15.71 -15.87 -9.09
N TYR A 205 15.77 -15.66 -10.41
CA TYR A 205 16.99 -15.84 -11.17
C TYR A 205 17.69 -17.11 -10.69
N ASP A 206 18.91 -16.98 -10.17
CA ASP A 206 19.68 -18.14 -9.70
C ASP A 206 20.40 -17.90 -8.37
N PHE A 207 19.77 -17.14 -7.46
CA PHE A 207 20.36 -16.95 -6.14
C PHE A 207 20.06 -18.17 -5.28
N PRO A 208 20.81 -18.36 -4.19
CA PRO A 208 20.41 -19.38 -3.21
C PRO A 208 19.00 -19.11 -2.71
N GLN A 209 18.14 -20.11 -2.82
CA GLN A 209 16.71 -19.93 -2.51
C GLN A 209 16.04 -21.24 -2.18
N TYR A 210 14.90 -21.17 -1.50
CA TYR A 210 14.16 -22.37 -1.10
C TYR A 210 12.92 -22.51 -1.96
N ILE A 211 12.50 -23.74 -2.18
CA ILE A 211 11.38 -23.99 -3.06
C ILE A 211 10.45 -25.00 -2.40
N LEU A 212 9.14 -24.73 -2.43
CA LEU A 212 8.10 -25.71 -2.01
C LEU A 212 7.09 -25.90 -3.14
N ASP A 213 6.98 -27.15 -3.63
CA ASP A 213 6.15 -27.46 -4.83
C ASP A 213 4.70 -27.90 -4.52
N GLU A 214 3.93 -28.16 -5.58
CA GLU A 214 2.52 -28.67 -5.48
C GLU A 214 2.50 -29.97 -4.68
N ASP A 215 3.48 -30.85 -4.95
CA ASP A 215 3.70 -32.08 -4.19
C ASP A 215 4.06 -31.73 -2.71
N TYR A 216 4.52 -30.49 -2.46
CA TYR A 216 4.90 -29.96 -1.11
C TYR A 216 6.26 -30.44 -0.63
N PHE A 217 7.08 -30.79 -1.61
CA PHE A 217 8.42 -31.26 -1.42
C PHE A 217 9.29 -30.01 -1.31
N LEU A 218 9.94 -29.85 -0.16
CA LEU A 218 10.86 -28.72 0.06
C LEU A 218 12.31 -28.99 -0.41
N ILE A 219 12.77 -28.16 -1.36
CA ILE A 219 14.08 -28.26 -2.03
C ILE A 219 14.93 -27.05 -1.61
N THR A 220 16.23 -27.10 -1.89
CA THR A 220 17.17 -25.96 -1.79
C THR A 220 17.88 -25.84 -3.12
N LYS A 221 18.23 -24.63 -3.53
CA LYS A 221 18.82 -24.41 -4.86
C LYS A 221 19.99 -23.39 -4.92
N ASN A 222 20.66 -23.30 -6.07
CA ASN A 222 21.81 -22.42 -6.31
C ASN A 222 22.76 -22.08 -5.13
N MET A 223 23.11 -23.05 -4.29
CA MET A 223 24.18 -22.85 -3.30
C MET A 223 25.57 -23.03 -3.94
N THR B 4 -13.00 0.73 -25.88
CA THR B 4 -13.36 2.08 -25.32
C THR B 4 -12.09 2.85 -24.86
N MET B 5 -11.58 2.50 -23.69
CA MET B 5 -10.41 3.19 -23.07
C MET B 5 -9.02 2.85 -23.63
N ASN B 6 -8.08 3.80 -23.51
CA ASN B 6 -6.76 3.61 -24.07
C ASN B 6 -5.68 3.80 -23.08
N LEU B 7 -4.70 2.91 -23.14
CA LEU B 7 -3.42 3.11 -22.49
C LEU B 7 -2.40 3.50 -23.55
N ASN B 8 -2.01 4.78 -23.58
CA ASN B 8 -1.07 5.28 -24.59
C ASN B 8 0.01 6.16 -24.01
N PHE B 9 1.25 5.89 -24.40
CA PHE B 9 2.40 6.80 -24.15
C PHE B 9 3.50 6.75 -25.24
N SER B 10 4.46 7.68 -25.14
CA SER B 10 5.52 7.88 -26.17
C SER B 10 6.16 6.62 -26.80
N LEU B 11 6.67 5.74 -25.94
CA LEU B 11 7.44 4.56 -26.36
C LEU B 11 6.60 3.47 -27.00
N LEU B 12 5.30 3.71 -27.12
CA LEU B 12 4.38 2.70 -27.65
C LEU B 12 4.00 2.88 -29.10
N ASP B 13 4.01 1.76 -29.83
CA ASP B 13 3.64 1.74 -31.24
C ASP B 13 2.22 2.25 -31.41
N GLU B 14 1.27 1.46 -30.93
CA GLU B 14 -0.14 1.79 -31.00
C GLU B 14 -0.66 1.89 -29.55
N PRO B 15 -1.54 2.87 -29.26
CA PRO B 15 -2.32 2.91 -28.02
C PRO B 15 -3.04 1.59 -27.75
N ILE B 16 -2.84 1.00 -26.58
CA ILE B 16 -3.49 -0.28 -26.21
C ILE B 16 -4.96 -0.11 -25.80
N PRO B 17 -5.86 -0.93 -26.37
CA PRO B 17 -7.28 -0.92 -26.00
C PRO B 17 -7.56 -1.55 -24.64
N LEU B 18 -8.15 -0.75 -23.76
CA LEU B 18 -8.66 -1.25 -22.50
C LEU B 18 -10.18 -1.33 -22.61
N ARG B 19 -10.64 -2.53 -22.87
CA ARG B 19 -12.05 -2.78 -23.02
C ARG B 19 -12.33 -3.96 -22.11
N GLY B 20 -13.21 -3.75 -21.14
CA GLY B 20 -13.56 -4.80 -20.18
C GLY B 20 -12.36 -5.32 -19.40
N GLY B 21 -12.40 -6.59 -19.03
CA GLY B 21 -11.24 -7.22 -18.46
C GLY B 21 -10.13 -7.21 -19.50
N THR B 22 -8.88 -7.12 -19.05
CA THR B 22 -7.72 -7.01 -19.94
C THR B 22 -6.46 -7.47 -19.23
N ILE B 23 -5.84 -8.56 -19.66
CA ILE B 23 -4.55 -8.94 -19.05
C ILE B 23 -3.47 -8.36 -19.93
N LEU B 24 -2.40 -7.84 -19.35
CA LEU B 24 -1.35 -7.22 -20.18
C LEU B 24 0.00 -7.65 -19.68
N VAL B 25 0.69 -8.48 -20.46
CA VAL B 25 1.95 -8.99 -20.01
C VAL B 25 3.05 -8.05 -20.40
N LEU B 26 4.01 -7.89 -19.52
CA LEU B 26 5.15 -7.08 -19.85
C LEU B 26 6.32 -8.00 -19.55
N GLU B 27 6.81 -8.65 -20.61
CA GLU B 27 7.77 -9.76 -20.46
C GLU B 27 8.99 -9.27 -19.76
N ASP B 28 9.46 -8.13 -20.22
CA ASP B 28 10.70 -7.62 -19.76
C ASP B 28 10.61 -6.98 -18.38
N VAL B 29 11.44 -7.44 -17.46
CA VAL B 29 11.55 -6.90 -16.09
C VAL B 29 11.61 -5.35 -16.06
N CYS B 30 12.27 -4.76 -17.04
CA CYS B 30 12.48 -3.31 -17.02
C CYS B 30 11.25 -2.54 -17.49
N VAL B 31 10.71 -2.90 -18.64
CA VAL B 31 9.39 -2.39 -19.07
C VAL B 31 8.29 -2.63 -18.03
N PHE B 32 8.38 -3.76 -17.32
CA PHE B 32 7.41 -4.08 -16.27
C PHE B 32 7.44 -3.08 -15.13
N SER B 33 8.60 -2.88 -14.50
CA SER B 33 8.76 -1.83 -13.49
C SER B 33 8.55 -0.45 -14.07
N LYS B 34 9.12 -0.18 -15.23
CA LYS B 34 8.94 1.14 -15.77
C LYS B 34 7.45 1.42 -15.73
N ILE B 35 6.63 0.47 -16.17
CA ILE B 35 5.20 0.75 -16.38
C ILE B 35 4.41 0.82 -15.09
N VAL B 36 4.64 -0.16 -14.22
CA VAL B 36 4.14 -0.11 -12.85
C VAL B 36 4.43 1.25 -12.20
N GLN B 37 5.68 1.65 -12.21
CA GLN B 37 6.08 2.85 -11.55
C GLN B 37 5.44 4.06 -12.22
N TYR B 38 5.42 4.12 -13.56
CA TYR B 38 4.72 5.21 -14.27
C TYR B 38 3.26 5.29 -13.87
N CYS B 39 2.77 4.21 -13.25
CA CYS B 39 1.39 4.12 -12.76
C CYS B 39 1.21 4.74 -11.39
N TYR B 40 2.07 4.40 -10.45
CA TYR B 40 2.03 5.06 -9.16
C TYR B 40 2.31 6.52 -9.35
N GLN B 41 3.14 6.84 -10.33
CA GLN B 41 3.52 8.20 -10.57
C GLN B 41 2.55 8.92 -11.44
N TYR B 42 1.42 8.28 -11.76
CA TYR B 42 0.46 8.91 -12.66
C TYR B 42 0.09 10.29 -12.15
N GLU B 43 0.05 11.24 -13.10
CA GLU B 43 -0.41 12.62 -12.90
C GLU B 43 -0.56 13.28 -14.28
N GLU B 44 -0.90 14.57 -14.31
CA GLU B 44 -1.09 15.29 -15.58
C GLU B 44 0.18 15.35 -16.44
N ASP B 45 1.32 15.59 -15.78
CA ASP B 45 2.62 15.80 -16.43
C ASP B 45 3.28 14.47 -16.83
N SER B 46 2.49 13.39 -16.94
CA SER B 46 3.05 12.03 -16.81
C SER B 46 3.39 11.38 -18.15
N GLU B 47 4.29 10.40 -18.13
CA GLU B 47 4.69 9.64 -19.34
C GLU B 47 3.49 8.97 -19.93
N LEU B 48 2.71 8.38 -19.02
CA LEU B 48 1.60 7.49 -19.31
C LEU B 48 0.30 8.27 -19.36
N LYS B 49 -0.48 8.00 -20.39
CA LYS B 49 -1.79 8.61 -20.52
C LYS B 49 -2.80 7.52 -20.61
N PHE B 50 -3.88 7.67 -19.86
CA PHE B 50 -5.04 6.84 -20.05
C PHE B 50 -6.09 7.80 -20.47
N PHE B 51 -6.89 7.39 -21.44
CA PHE B 51 -8.08 8.15 -21.86
C PHE B 51 -9.11 7.20 -22.43
N ASP B 52 -10.38 7.61 -22.34
CA ASP B 52 -11.49 6.85 -22.91
C ASP B 52 -11.60 7.05 -24.43
N HIS B 53 -12.71 6.57 -25.01
CA HIS B 53 -13.01 6.65 -26.45
C HIS B 53 -12.98 8.08 -26.96
N LYS B 54 -13.64 8.97 -26.22
CA LYS B 54 -13.72 10.41 -26.52
C LYS B 54 -12.36 11.13 -26.32
N MET B 55 -11.31 10.33 -26.14
CA MET B 55 -9.96 10.81 -25.87
C MET B 55 -9.86 11.72 -24.62
N LYS B 56 -10.92 11.74 -23.82
CA LYS B 56 -10.90 12.48 -22.58
C LYS B 56 -10.03 11.73 -21.56
N THR B 57 -9.01 12.38 -21.01
CA THR B 57 -8.03 11.67 -20.19
C THR B 57 -8.51 11.47 -18.77
N ILE B 58 -8.33 10.23 -18.31
CA ILE B 58 -8.64 9.78 -16.96
C ILE B 58 -7.68 10.38 -15.94
N LYS B 59 -8.24 10.97 -14.91
CA LYS B 59 -7.41 11.65 -13.95
C LYS B 59 -7.04 10.72 -12.81
N GLU B 60 -5.89 11.00 -12.18
CA GLU B 60 -5.44 10.34 -10.94
C GLU B 60 -6.56 9.77 -10.12
N SER B 61 -7.55 10.63 -9.89
CA SER B 61 -8.68 10.34 -9.01
C SER B 61 -9.59 9.26 -9.55
N GLU B 62 -9.71 9.23 -10.89
CA GLU B 62 -10.58 8.28 -11.58
C GLU B 62 -10.01 6.86 -11.70
N ILE B 63 -8.72 6.75 -11.45
CA ILE B 63 -8.06 5.46 -11.40
C ILE B 63 -7.96 4.99 -9.97
N MET B 64 -7.90 3.67 -9.83
CA MET B 64 -7.88 3.01 -8.55
C MET B 64 -6.82 1.93 -8.67
N LEU B 65 -5.74 2.05 -7.95
CA LEU B 65 -4.65 1.22 -8.28
C LEU B 65 -4.33 0.26 -7.13
N VAL B 66 -4.42 -1.04 -7.40
CA VAL B 66 -4.12 -1.98 -6.33
C VAL B 66 -2.94 -2.89 -6.57
N THR B 67 -1.99 -2.85 -5.64
CA THR B 67 -0.96 -3.86 -5.55
C THR B 67 -1.14 -4.65 -4.28
N ASP B 68 -1.39 -3.96 -3.16
CA ASP B 68 -1.66 -4.70 -1.93
C ASP B 68 -3.16 -5.09 -1.79
N ILE B 69 -3.50 -6.33 -2.14
CA ILE B 69 -4.90 -6.72 -2.20
C ILE B 69 -5.43 -6.83 -0.82
N LEU B 70 -4.74 -7.56 0.03
CA LEU B 70 -5.18 -7.60 1.41
C LEU B 70 -5.23 -6.23 2.05
N GLY B 71 -4.20 -5.40 1.87
CA GLY B 71 -4.15 -4.10 2.54
C GLY B 71 -5.27 -3.15 2.20
N PHE B 72 -5.82 -3.27 1.01
CA PHE B 72 -6.85 -2.37 0.53
C PHE B 72 -7.96 -2.22 1.54
N ASP B 73 -8.21 -1.01 2.01
CA ASP B 73 -9.24 -0.78 3.02
C ASP B 73 -10.62 -0.51 2.41
N VAL B 74 -11.54 -1.46 2.56
CA VAL B 74 -12.89 -1.20 2.07
C VAL B 74 -13.69 -0.27 2.99
N ASN B 75 -13.30 -0.14 4.24
CA ASN B 75 -14.00 0.80 5.12
C ASN B 75 -13.19 2.05 5.43
N SER B 76 -12.48 2.55 4.41
CA SER B 76 -11.80 3.84 4.54
C SER B 76 -12.89 4.87 4.83
N SER B 77 -12.52 5.88 5.60
CA SER B 77 -13.40 7.03 5.79
C SER B 77 -13.96 7.54 4.45
N THR B 78 -13.12 7.58 3.44
CA THR B 78 -13.57 8.17 2.23
C THR B 78 -14.74 7.36 1.66
N ILE B 79 -14.69 6.05 1.88
CA ILE B 79 -15.67 5.11 1.30
C ILE B 79 -16.94 5.24 2.11
N LEU B 80 -16.77 5.05 3.42
CA LEU B 80 -17.80 5.31 4.40
C LEU B 80 -18.51 6.66 4.26
N LYS B 81 -17.84 7.81 4.25
CA LYS B 81 -18.58 9.04 3.91
C LYS B 81 -19.46 8.83 2.72
N LEU B 82 -18.92 8.33 1.62
CA LEU B 82 -19.75 8.22 0.41
C LEU B 82 -21.00 7.34 0.57
N ILE B 83 -20.82 6.22 1.27
CA ILE B 83 -21.87 5.24 1.46
C ILE B 83 -22.95 5.88 2.24
N HIS B 84 -22.60 6.38 3.42
CA HIS B 84 -23.50 7.19 4.21
C HIS B 84 -24.22 8.27 3.36
N ALA B 85 -23.47 9.11 2.65
CA ALA B 85 -24.14 10.16 1.89
C ALA B 85 -25.12 9.52 0.92
N ASP B 86 -24.77 8.32 0.44
CA ASP B 86 -25.51 7.64 -0.63
C ASP B 86 -26.80 7.09 -0.08
N LEU B 87 -26.68 6.34 1.02
CA LEU B 87 -27.81 5.89 1.78
C LEU B 87 -28.73 7.06 2.18
N GLU B 88 -28.20 8.25 2.45
CA GLU B 88 -29.08 9.37 2.76
C GLU B 88 -29.90 9.71 1.53
N SER B 89 -29.26 9.80 0.36
CA SER B 89 -29.98 10.22 -0.85
C SER B 89 -30.99 9.17 -1.31
N GLN B 90 -30.87 7.93 -0.81
CA GLN B 90 -31.85 6.91 -1.14
C GLN B 90 -33.17 7.38 -0.56
N PHE B 91 -33.13 7.70 0.72
CA PHE B 91 -34.25 8.28 1.41
C PHE B 91 -34.84 9.42 0.60
N ASN B 92 -34.11 10.49 0.35
CA ASN B 92 -34.69 11.61 -0.39
C ASN B 92 -35.54 11.23 -1.63
N GLU B 93 -35.25 10.09 -2.24
CA GLU B 93 -35.96 9.66 -3.43
C GLU B 93 -37.14 8.75 -3.16
N LYS B 94 -37.30 8.31 -1.91
CA LYS B 94 -38.52 7.66 -1.50
C LYS B 94 -39.24 8.57 -0.50
N PRO B 95 -40.01 9.56 -0.98
CA PRO B 95 -40.56 10.53 -0.04
C PRO B 95 -41.54 9.96 0.96
N GLU B 96 -42.15 8.80 0.69
CA GLU B 96 -43.08 8.22 1.68
C GLU B 96 -42.30 7.71 2.91
N VAL B 97 -41.04 7.36 2.71
CA VAL B 97 -40.21 6.84 3.80
C VAL B 97 -39.50 7.97 4.57
N LYS B 98 -39.03 8.99 3.86
CA LYS B 98 -38.45 10.18 4.49
C LYS B 98 -39.50 10.84 5.38
N SER B 99 -40.74 10.84 4.94
CA SER B 99 -41.84 11.29 5.77
C SER B 99 -41.88 10.47 7.04
N MET B 100 -41.76 9.15 6.92
CA MET B 100 -41.86 8.25 8.06
C MET B 100 -40.65 8.41 8.98
N ILE B 101 -39.47 8.55 8.40
CA ILE B 101 -38.25 8.81 9.16
C ILE B 101 -38.50 10.08 9.93
N ASP B 102 -38.92 11.13 9.24
CA ASP B 102 -39.17 12.44 9.83
C ASP B 102 -40.10 12.44 11.04
N LYS B 103 -41.26 11.80 10.89
CA LYS B 103 -42.19 11.61 11.97
C LYS B 103 -41.55 10.88 13.14
N LEU B 104 -40.81 9.81 12.85
CA LEU B 104 -40.16 9.10 13.91
C LEU B 104 -39.12 9.98 14.64
N VAL B 105 -38.27 10.70 13.91
CA VAL B 105 -37.29 11.51 14.61
C VAL B 105 -37.98 12.64 15.41
N ALA B 106 -38.86 13.38 14.74
CA ALA B 106 -39.57 14.45 15.40
C ALA B 106 -40.15 13.99 16.73
N THR B 107 -40.70 12.79 16.76
CA THR B 107 -41.29 12.24 17.98
C THR B 107 -40.23 11.92 19.00
N ILE B 108 -39.25 11.10 18.60
CA ILE B 108 -38.09 10.77 19.45
C ILE B 108 -37.37 12.00 20.04
N THR B 109 -37.20 13.05 19.23
CA THR B 109 -36.70 14.29 19.71
C THR B 109 -37.53 14.88 20.84
N GLU B 110 -38.84 14.98 20.65
CA GLU B 110 -39.64 15.51 21.72
C GLU B 110 -39.46 14.73 22.98
N LEU B 111 -39.44 13.41 22.86
CA LEU B 111 -39.36 12.63 24.08
C LEU B 111 -38.08 12.89 24.88
N ILE B 112 -37.02 13.26 24.18
CA ILE B 112 -35.74 13.57 24.83
C ILE B 112 -35.80 14.99 25.41
N VAL B 113 -36.18 15.95 24.56
CA VAL B 113 -36.39 17.30 25.00
C VAL B 113 -37.31 17.27 26.21
N PHE B 114 -38.20 16.27 26.27
CA PHE B 114 -39.07 16.16 27.40
C PHE B 114 -38.17 16.00 28.62
N GLU B 115 -37.40 14.92 28.69
CA GLU B 115 -36.37 14.78 29.72
C GLU B 115 -35.46 16.02 29.95
N CYS B 116 -35.29 16.84 28.92
CA CYS B 116 -34.42 17.99 29.01
C CYS B 116 -35.09 19.06 29.85
N LEU B 117 -36.30 19.45 29.43
CA LEU B 117 -37.21 20.27 30.23
C LEU B 117 -37.28 19.79 31.66
N GLU B 118 -37.25 18.46 31.84
CA GLU B 118 -37.39 17.86 33.17
C GLU B 118 -36.15 18.13 33.94
N ASN B 119 -35.01 18.01 33.28
CA ASN B 119 -33.72 18.37 33.86
C ASN B 119 -33.63 19.84 34.26
N GLU B 120 -33.01 20.05 35.41
CA GLU B 120 -32.75 21.38 36.00
C GLU B 120 -32.26 22.45 35.05
N LEU B 121 -31.24 22.05 34.29
CA LEU B 121 -30.51 22.94 33.46
C LEU B 121 -31.36 23.49 32.35
N ASP B 122 -31.17 24.77 32.07
CA ASP B 122 -31.58 25.33 30.81
C ASP B 122 -30.80 24.59 29.68
N LEU B 123 -31.39 23.52 29.13
CA LEU B 123 -30.75 22.80 28.01
C LEU B 123 -31.33 23.15 26.64
N GLU B 124 -30.45 23.38 25.67
CA GLU B 124 -30.88 23.62 24.29
C GLU B 124 -30.40 22.48 23.47
N TYR B 125 -30.62 22.54 22.18
CA TYR B 125 -30.43 21.39 21.37
C TYR B 125 -30.58 21.79 19.91
N ASP B 126 -30.17 20.91 19.02
CA ASP B 126 -30.22 21.19 17.60
C ASP B 126 -31.33 20.37 16.85
N GLU B 127 -30.90 19.47 15.97
CA GLU B 127 -31.76 18.45 15.42
C GLU B 127 -31.05 17.13 15.34
N ILE B 128 -31.79 16.07 14.97
CA ILE B 128 -31.17 14.77 14.65
C ILE B 128 -31.41 14.51 13.17
N THR B 129 -30.33 14.22 12.44
CA THR B 129 -30.43 14.12 10.99
C THR B 129 -30.39 12.68 10.57
N ILE B 130 -30.82 12.42 9.34
CA ILE B 130 -30.73 11.09 8.78
C ILE B 130 -29.28 10.60 8.86
N LEU B 131 -28.34 11.46 8.45
CA LEU B 131 -26.94 11.09 8.49
C LEU B 131 -26.45 10.64 9.89
N GLU B 132 -26.86 11.39 10.91
CA GLU B 132 -26.48 11.03 12.26
C GLU B 132 -27.02 9.65 12.66
N LEU B 133 -28.20 9.30 12.14
CA LEU B 133 -28.81 8.00 12.36
C LEU B 133 -28.03 6.91 11.66
N ILE B 134 -27.71 7.14 10.40
CA ILE B 134 -26.88 6.20 9.71
C ILE B 134 -25.53 6.08 10.42
N LYS B 135 -24.90 7.22 10.70
CA LYS B 135 -23.59 7.17 11.34
C LYS B 135 -23.71 6.47 12.67
N SER B 136 -24.77 6.76 13.42
CA SER B 136 -24.92 6.11 14.74
C SER B 136 -25.15 4.59 14.65
N LEU B 137 -25.78 4.15 13.56
CA LEU B 137 -26.09 2.77 13.38
C LEU B 137 -24.82 2.01 13.02
N GLY B 138 -23.82 2.66 12.47
CA GLY B 138 -22.54 2.01 12.34
C GLY B 138 -22.48 1.17 11.10
N VAL B 139 -23.25 1.60 10.10
CA VAL B 139 -23.28 1.00 8.78
C VAL B 139 -21.91 1.04 8.19
N LYS B 140 -21.43 -0.11 7.76
CA LYS B 140 -20.12 -0.23 7.12
C LYS B 140 -20.13 -1.49 6.24
N VAL B 141 -19.19 -1.57 5.30
CA VAL B 141 -19.05 -2.72 4.39
C VAL B 141 -18.62 -4.00 5.08
N GLU B 142 -19.28 -5.08 4.67
CA GLU B 142 -19.03 -6.39 5.22
C GLU B 142 -17.65 -6.90 4.83
N THR B 143 -16.94 -7.46 5.80
CA THR B 143 -15.63 -8.01 5.55
C THR B 143 -15.69 -9.51 5.83
N GLN B 144 -16.06 -10.26 4.79
CA GLN B 144 -16.27 -11.72 4.92
C GLN B 144 -15.16 -12.54 4.25
N SER B 145 -14.67 -12.01 3.13
CA SER B 145 -13.52 -12.52 2.40
C SER B 145 -12.30 -12.86 3.27
N ASP B 146 -11.97 -14.14 3.28
CA ASP B 146 -10.78 -14.62 4.00
C ASP B 146 -9.70 -15.21 3.04
N THR B 147 -9.54 -14.61 1.87
CA THR B 147 -8.55 -15.07 0.90
C THR B 147 -8.29 -14.02 -0.13
N ILE B 148 -7.03 -13.89 -0.53
CA ILE B 148 -6.67 -12.93 -1.56
C ILE B 148 -7.71 -12.95 -2.71
N PHE B 149 -8.18 -14.14 -3.08
CA PHE B 149 -9.18 -14.20 -4.15
C PHE B 149 -10.51 -13.53 -3.71
N GLU B 150 -11.10 -14.02 -2.61
CA GLU B 150 -12.35 -13.42 -2.13
C GLU B 150 -12.15 -11.91 -2.12
N LYS B 151 -11.01 -11.45 -1.58
CA LYS B 151 -10.70 -10.02 -1.53
C LYS B 151 -10.77 -9.27 -2.84
N CYS B 152 -10.16 -9.83 -3.87
CA CYS B 152 -10.20 -9.20 -5.20
C CYS B 152 -11.63 -8.86 -5.60
N LEU B 153 -12.54 -9.79 -5.29
CA LEU B 153 -13.96 -9.62 -5.62
C LEU B 153 -14.54 -8.47 -4.84
N GLU B 154 -14.13 -8.33 -3.60
CA GLU B 154 -14.65 -7.25 -2.84
C GLU B 154 -14.09 -6.00 -3.42
N ILE B 155 -12.78 -5.96 -3.70
CA ILE B 155 -12.22 -4.75 -4.32
C ILE B 155 -12.96 -4.50 -5.62
N LEU B 156 -13.31 -5.57 -6.32
CA LEU B 156 -14.08 -5.38 -7.54
C LEU B 156 -15.44 -4.79 -7.25
N GLN B 157 -16.07 -5.22 -6.17
CA GLN B 157 -17.41 -4.77 -5.87
C GLN B 157 -17.36 -3.26 -5.62
N ILE B 158 -16.38 -2.87 -4.79
CA ILE B 158 -16.20 -1.48 -4.42
C ILE B 158 -15.85 -0.64 -5.62
N PHE B 159 -14.93 -1.11 -6.43
CA PHE B 159 -14.60 -0.37 -7.66
C PHE B 159 -15.86 -0.03 -8.48
N LYS B 160 -16.79 -1.01 -8.46
CA LYS B 160 -18.02 -0.92 -9.20
C LYS B 160 -18.83 0.15 -8.54
N TYR B 161 -18.89 0.05 -7.21
CA TYR B 161 -19.67 0.96 -6.42
C TYR B 161 -19.28 2.43 -6.58
N LEU B 162 -17.98 2.72 -6.73
CA LEU B 162 -17.55 4.10 -6.93
C LEU B 162 -17.65 4.45 -8.39
N THR B 163 -18.78 5.07 -8.70
CA THR B 163 -19.05 5.56 -10.05
C THR B 163 -17.94 6.50 -10.56
N LYS B 164 -17.29 7.27 -9.68
CA LYS B 164 -16.24 8.21 -10.06
C LYS B 164 -14.85 7.61 -10.36
N LYS B 165 -14.52 6.49 -9.70
CA LYS B 165 -13.39 5.65 -10.06
C LYS B 165 -13.75 4.91 -11.34
N LYS B 166 -13.01 5.19 -12.43
CA LYS B 166 -13.31 4.67 -13.77
C LYS B 166 -12.46 3.48 -14.25
N LEU B 167 -11.22 3.37 -13.76
CA LEU B 167 -10.38 2.23 -14.09
C LEU B 167 -9.69 1.65 -12.86
N LEU B 168 -9.60 0.34 -12.83
CA LEU B 168 -8.95 -0.39 -11.78
C LEU B 168 -7.76 -1.10 -12.42
N ILE B 169 -6.63 -1.06 -11.71
CA ILE B 169 -5.43 -1.69 -12.16
C ILE B 169 -5.04 -2.57 -11.01
N PHE B 170 -4.91 -3.86 -11.28
CA PHE B 170 -4.32 -4.74 -10.32
C PHE B 170 -2.91 -4.86 -10.83
N VAL B 171 -1.95 -4.84 -9.93
CA VAL B 171 -0.56 -4.94 -10.28
C VAL B 171 -0.10 -6.26 -9.79
N ASN B 172 0.38 -7.11 -10.69
CA ASN B 172 1.06 -8.35 -10.32
C ASN B 172 0.25 -9.24 -9.36
N SER B 173 -0.97 -9.46 -9.76
CA SER B 173 -1.99 -10.04 -8.92
C SER B 173 -2.16 -11.47 -9.36
N GLY B 174 -1.96 -11.72 -10.67
CA GLY B 174 -1.89 -13.06 -11.30
C GLY B 174 -1.20 -14.08 -10.40
N ALA B 175 -0.01 -13.72 -9.91
CA ALA B 175 0.68 -14.53 -8.92
C ALA B 175 -0.24 -15.21 -7.89
N PHE B 176 -1.32 -14.57 -7.49
CA PHE B 176 -2.10 -15.15 -6.36
C PHE B 176 -3.34 -15.94 -6.79
N LEU B 177 -3.52 -16.17 -8.09
CA LEU B 177 -4.83 -16.56 -8.61
C LEU B 177 -4.86 -17.87 -9.43
N THR B 178 -5.58 -18.91 -8.94
CA THR B 178 -5.81 -20.08 -9.81
C THR B 178 -6.47 -19.65 -11.12
N LYS B 179 -6.25 -20.44 -12.16
CA LYS B 179 -6.89 -20.22 -13.47
C LYS B 179 -8.41 -20.00 -13.31
N ASP B 180 -9.04 -20.80 -12.45
CA ASP B 180 -10.47 -20.61 -12.13
C ASP B 180 -10.82 -19.22 -11.59
N GLU B 181 -10.13 -18.85 -10.52
CA GLU B 181 -10.23 -17.51 -9.91
C GLU B 181 -10.08 -16.40 -10.96
N VAL B 182 -9.06 -16.49 -11.80
CA VAL B 182 -8.84 -15.45 -12.78
C VAL B 182 -10.07 -15.41 -13.65
N ALA B 183 -10.71 -16.54 -13.81
CA ALA B 183 -11.81 -16.59 -14.75
C ALA B 183 -13.07 -16.02 -14.08
N SER B 184 -13.31 -16.39 -12.81
CA SER B 184 -14.44 -15.85 -12.06
C SER B 184 -14.35 -14.36 -12.06
N LEU B 185 -13.12 -13.83 -11.96
CA LEU B 185 -12.88 -12.39 -11.97
C LEU B 185 -13.29 -11.82 -13.29
N GLN B 186 -12.62 -12.25 -14.34
CA GLN B 186 -13.00 -11.79 -15.65
C GLN B 186 -14.50 -12.01 -15.86
N GLU B 187 -15.05 -13.07 -15.25
CA GLU B 187 -16.49 -13.32 -15.36
C GLU B 187 -17.24 -12.09 -14.85
N TYR B 188 -17.15 -11.85 -13.53
CA TYR B 188 -17.70 -10.66 -12.86
C TYR B 188 -17.48 -9.35 -13.64
N ILE B 189 -16.26 -9.15 -14.12
CA ILE B 189 -15.92 -7.95 -14.84
C ILE B 189 -16.72 -7.80 -16.13
N SER B 190 -17.06 -8.93 -16.76
CA SER B 190 -17.91 -8.90 -17.96
C SER B 190 -19.31 -8.60 -17.50
N LEU B 191 -19.73 -9.34 -16.48
CA LEU B 191 -21.09 -9.22 -15.94
C LEU B 191 -21.51 -7.81 -15.56
N THR B 192 -20.56 -7.03 -15.02
CA THR B 192 -20.79 -5.76 -14.30
C THR B 192 -20.34 -4.57 -15.12
N ASN B 193 -19.54 -4.84 -16.15
CA ASN B 193 -19.23 -3.85 -17.17
C ASN B 193 -18.04 -2.99 -16.74
N LEU B 194 -17.15 -3.62 -15.98
CA LEU B 194 -16.03 -2.94 -15.38
C LEU B 194 -14.89 -2.88 -16.37
N THR B 195 -14.17 -1.75 -16.43
CA THR B 195 -12.85 -1.72 -17.12
C THR B 195 -11.74 -1.96 -16.10
N VAL B 196 -11.10 -3.12 -16.16
CA VAL B 196 -10.04 -3.50 -15.24
C VAL B 196 -8.81 -3.87 -16.06
N LEU B 197 -7.64 -3.50 -15.56
CA LEU B 197 -6.38 -3.83 -16.19
C LEU B 197 -5.52 -4.64 -15.24
N PHE B 198 -4.94 -5.72 -15.75
CA PHE B 198 -4.02 -6.52 -14.95
C PHE B 198 -2.59 -6.42 -15.47
N LEU B 199 -1.78 -5.53 -14.91
CA LEU B 199 -0.40 -5.50 -15.24
C LEU B 199 0.27 -6.71 -14.68
N GLU B 200 0.57 -7.65 -15.57
CA GLU B 200 1.25 -8.91 -15.22
C GLU B 200 2.69 -8.93 -15.77
N PRO B 201 3.62 -9.62 -15.08
CA PRO B 201 5.02 -9.71 -15.51
C PRO B 201 5.30 -10.88 -16.47
N ARG B 202 4.41 -11.87 -16.43
CA ARG B 202 4.45 -13.04 -17.31
C ARG B 202 3.01 -13.37 -17.77
N GLU B 203 2.91 -14.31 -18.70
CA GLU B 203 1.61 -14.72 -19.26
C GLU B 203 0.76 -15.24 -18.16
N LEU B 204 -0.51 -14.91 -18.21
CA LEU B 204 -1.45 -15.41 -17.21
C LEU B 204 -2.27 -16.53 -17.87
N TYR B 205 -1.77 -17.74 -17.63
CA TYR B 205 -2.33 -18.95 -18.21
C TYR B 205 -2.54 -18.76 -19.71
N ASP B 206 -3.75 -19.09 -20.15
CA ASP B 206 -4.05 -19.10 -21.56
C ASP B 206 -5.30 -18.27 -21.86
N PHE B 207 -5.46 -17.17 -21.13
CA PHE B 207 -6.57 -16.24 -21.37
C PHE B 207 -6.29 -15.28 -22.51
N PRO B 208 -7.33 -14.95 -23.30
CA PRO B 208 -7.11 -13.81 -24.19
C PRO B 208 -6.37 -12.66 -23.44
N GLN B 209 -5.27 -12.19 -24.02
CA GLN B 209 -4.37 -11.26 -23.35
C GLN B 209 -3.38 -10.67 -24.31
N TYR B 210 -2.82 -9.50 -23.99
CA TYR B 210 -1.75 -8.87 -24.80
C TYR B 210 -0.36 -9.08 -24.20
N ILE B 211 0.64 -9.24 -25.06
CA ILE B 211 2.02 -9.39 -24.57
C ILE B 211 2.90 -8.25 -25.08
N LEU B 212 4.07 -8.09 -24.50
CA LEU B 212 4.92 -6.96 -24.78
C LEU B 212 6.41 -7.22 -24.64
N ASP B 213 7.03 -7.25 -25.82
CA ASP B 213 8.46 -7.33 -26.10
C ASP B 213 9.26 -6.40 -25.21
N GLU B 214 10.55 -6.67 -25.11
CA GLU B 214 11.45 -5.66 -24.59
C GLU B 214 11.56 -4.45 -25.54
N ASP B 215 11.09 -4.63 -26.78
CA ASP B 215 11.11 -3.58 -27.82
C ASP B 215 9.82 -2.78 -27.93
N TYR B 216 8.87 -3.06 -27.03
CA TYR B 216 7.52 -2.46 -27.08
C TYR B 216 6.71 -2.86 -28.32
N PHE B 217 6.98 -4.07 -28.84
CA PHE B 217 6.13 -4.61 -29.91
C PHE B 217 5.02 -5.49 -29.32
N LEU B 218 3.80 -5.26 -29.81
CA LEU B 218 2.59 -5.81 -29.22
C LEU B 218 1.96 -6.99 -29.98
N ILE B 219 2.01 -8.17 -29.38
CA ILE B 219 1.24 -9.32 -29.87
C ILE B 219 0.03 -9.67 -28.98
N THR B 220 -0.98 -10.28 -29.59
CA THR B 220 -2.15 -10.81 -28.90
C THR B 220 -1.91 -12.30 -28.72
N LYS B 221 -2.91 -13.00 -28.19
CA LYS B 221 -2.68 -14.36 -27.83
C LYS B 221 -3.97 -14.97 -27.30
N ASN B 222 -4.10 -16.28 -27.45
CA ASN B 222 -5.18 -17.05 -26.81
C ASN B 222 -6.61 -16.53 -27.08
N MET B 223 -6.87 -16.06 -28.30
CA MET B 223 -8.14 -15.41 -28.62
C MET B 223 -9.36 -16.35 -28.87
CA CA C . 13.93 25.62 21.56
CA CA D . 14.92 8.06 -3.98
CA CA E . -27.42 17.32 15.11
#